data_5MAI
#
_entry.id   5MAI
#
_cell.length_a   169.134
_cell.length_b   169.134
_cell.length_c   169.134
_cell.angle_alpha   90.00
_cell.angle_beta   90.00
_cell.angle_gamma   90.00
#
_symmetry.space_group_name_H-M   'I 41 3 2'
#
loop_
_entity.id
_entity.type
_entity.pdbx_description
1 polymer 'Maternal embryonic leucine zipper kinase'
2 non-polymer 'DIMETHYL SULFOXIDE'
3 non-polymer 3-[(3~{Z})-3-[[[4-[(dimethylamino)methyl]phenyl]amino]-phenyl-methylidene]-2-oxidanylidene-1~{H}-indol-6-yl]-~{N}-ethyl-prop-2-ynamide
4 water water
#
_entity_poly.entity_id   1
_entity_poly.type   'polypeptide(L)'
_entity_poly.pdbx_seq_one_letter_code
;GPKDYDELLKYYELHETIGTGGFAKVKLACHILTGEMVAIKIMDKNTLGSDLPRIKTEIEALKNLRHQHICQLYHVLETA
NKIFMVLEYCPGGELFDYIISQDRLSEEETRVVFRQIVSAVAYVHSQGYAHRDLKPENLLFDEYHKLKLIDFGLCAKPKG
NKDYHLQTCCGSLAYAAPELIQGKSYLGSEADVWSMGILLYVLMCGFLPFDDDNVMALYKKIMRGKYDVPKWLSPSSILL
LQQMLQVDPKKRISMKNLLNHPWIMQDYNYPVEWQSKNPFIHLDDDCVTELSVHHRNNRQTMEDLISLWQYDHLTATYLL
LLAKKARGKPVRLRLSSFSCGHHHHHH
;
_entity_poly.pdbx_strand_id   A
#
# COMPACT_ATOMS: atom_id res chain seq x y z
N PRO A 2 -3.80 -11.28 27.88
CA PRO A 2 -4.95 -11.85 28.57
C PRO A 2 -5.55 -13.06 27.85
N LYS A 3 -4.68 -13.95 27.36
CA LYS A 3 -5.06 -15.20 26.65
C LYS A 3 -5.31 -15.02 25.16
N ASP A 4 -5.74 -13.83 24.74
CA ASP A 4 -5.80 -13.53 23.32
C ASP A 4 -4.42 -13.34 22.70
N TYR A 5 -3.41 -13.03 23.51
CA TYR A 5 -2.06 -12.76 23.02
C TYR A 5 -1.12 -13.98 23.07
N ASP A 6 -1.61 -15.11 23.59
CA ASP A 6 -0.74 -16.23 23.87
C ASP A 6 -0.20 -16.87 22.61
N GLU A 7 -1.07 -17.21 21.67
CA GLU A 7 -0.64 -17.77 20.38
C GLU A 7 0.32 -16.81 19.68
N LEU A 8 -0.06 -15.55 19.57
CA LEU A 8 0.77 -14.54 18.91
C LEU A 8 2.16 -14.50 19.48
N LEU A 9 2.25 -14.52 20.80
CA LEU A 9 3.53 -14.34 21.51
C LEU A 9 4.45 -15.57 21.44
N LYS A 10 3.95 -16.71 20.95
CA LYS A 10 4.82 -17.79 20.49
C LYS A 10 5.66 -17.40 19.26
N TYR A 11 5.19 -16.48 18.42
CA TYR A 11 5.86 -16.20 17.16
C TYR A 11 6.48 -14.84 17.05
N TYR A 12 5.92 -13.88 17.80
CA TYR A 12 6.32 -12.50 17.69
C TYR A 12 6.68 -11.96 19.07
N GLU A 13 7.69 -11.08 19.12
CA GLU A 13 7.91 -10.19 20.26
C GLU A 13 7.34 -8.81 19.91
N LEU A 14 6.41 -8.34 20.75
CA LEU A 14 5.79 -7.02 20.57
C LEU A 14 6.69 -5.86 20.99
N HIS A 15 6.85 -4.87 20.10
CA HIS A 15 7.53 -3.63 20.42
C HIS A 15 6.46 -2.53 20.61
N GLU A 16 6.74 -1.31 20.17
CA GLU A 16 5.89 -0.16 20.51
C GLU A 16 4.68 0.01 19.59
N THR A 17 3.61 0.57 20.15
CA THR A 17 2.45 0.99 19.37
C THR A 17 2.88 2.14 18.48
N ILE A 18 2.37 2.18 17.26
CA ILE A 18 2.88 3.11 16.24
C ILE A 18 1.75 3.74 15.46
N GLY A 19 0.56 3.72 16.04
CA GLY A 19 -0.64 3.96 15.26
C GLY A 19 -1.85 3.44 15.99
N THR A 20 -2.64 4.37 16.53
CA THR A 20 -3.93 4.03 17.07
C THR A 20 -4.98 4.49 16.04
N GLY A 21 -4.97 3.84 14.87
CA GLY A 21 -5.85 4.20 13.76
C GLY A 21 -7.32 3.86 13.96
N GLY A 22 -8.08 3.89 12.87
CA GLY A 22 -9.52 3.63 12.89
C GLY A 22 -9.79 2.14 12.83
N PHE A 23 -10.52 1.61 13.82
CA PHE A 23 -10.85 0.18 13.99
C PHE A 23 -9.65 -0.74 14.39
N ALA A 24 -8.42 -0.24 14.29
CA ALA A 24 -7.22 -1.07 14.46
C ALA A 24 -6.05 -0.33 15.10
N LYS A 25 -5.44 -0.98 16.09
CA LYS A 25 -4.14 -0.58 16.62
C LYS A 25 -3.01 -1.22 15.79
N VAL A 26 -1.97 -0.44 15.51
CA VAL A 26 -0.83 -0.92 14.78
C VAL A 26 0.35 -0.90 15.75
N LYS A 27 0.90 -2.11 15.94
CA LYS A 27 2.12 -2.34 16.72
C LYS A 27 3.29 -2.74 15.83
N LEU A 28 4.48 -2.38 16.29
CA LEU A 28 5.73 -2.82 15.71
C LEU A 28 6.09 -4.15 16.43
N ALA A 29 6.65 -5.11 15.69
CA ALA A 29 7.01 -6.37 16.30
C ALA A 29 8.12 -7.07 15.55
N CYS A 30 8.65 -8.09 16.18
CA CYS A 30 9.74 -8.86 15.59
C CYS A 30 9.29 -10.30 15.45
N HIS A 31 9.51 -10.87 14.28
CA HIS A 31 9.24 -12.29 14.06
C HIS A 31 10.45 -13.09 14.59
N ILE A 32 10.23 -13.91 15.60
CA ILE A 32 11.32 -14.56 16.34
C ILE A 32 12.21 -15.46 15.48
N LEU A 33 11.58 -16.35 14.71
CA LEU A 33 12.30 -17.35 13.94
C LEU A 33 13.25 -16.78 12.88
N THR A 34 12.84 -15.69 12.23
CA THR A 34 13.66 -15.00 11.23
C THR A 34 14.40 -13.80 11.79
N GLY A 35 14.04 -13.32 12.98
CA GLY A 35 14.42 -11.99 13.45
C GLY A 35 14.03 -10.79 12.59
N GLU A 36 13.01 -10.90 11.74
CA GLU A 36 12.56 -9.78 10.91
C GLU A 36 11.50 -8.91 11.62
N MET A 37 11.59 -7.59 11.45
CA MET A 37 10.61 -6.64 11.94
C MET A 37 9.39 -6.78 11.05
N VAL A 38 8.21 -6.74 11.67
CA VAL A 38 6.90 -6.68 11.00
C VAL A 38 5.99 -5.65 11.65
N ALA A 39 4.93 -5.25 10.94
CA ALA A 39 3.87 -4.42 11.54
C ALA A 39 2.66 -5.29 11.81
N ILE A 40 2.07 -5.16 12.98
CA ILE A 40 0.94 -6.00 13.36
C ILE A 40 -0.25 -5.06 13.60
N LYS A 41 -1.32 -5.30 12.85
CA LYS A 41 -2.59 -4.60 12.97
C LYS A 41 -3.41 -5.50 13.89
N ILE A 42 -3.94 -4.92 14.97
CA ILE A 42 -4.79 -5.61 15.97
C ILE A 42 -6.22 -5.01 15.96
N MET A 43 -7.22 -5.88 15.81
CA MET A 43 -8.64 -5.54 15.90
C MET A 43 -9.36 -6.39 16.92
N ASP A 44 -10.35 -5.79 17.58
CA ASP A 44 -11.17 -6.48 18.57
C ASP A 44 -12.48 -6.87 17.92
N LYS A 45 -12.81 -8.16 17.97
CA LYS A 45 -14.00 -8.68 17.29
C LYS A 45 -15.28 -8.18 17.94
N ASN A 46 -15.22 -7.82 19.21
CA ASN A 46 -16.42 -7.39 19.95
C ASN A 46 -16.79 -5.96 19.58
N THR A 47 -15.79 -5.16 19.23
CA THR A 47 -16.04 -3.80 18.77
C THR A 47 -16.21 -3.66 17.24
N LEU A 48 -15.85 -4.69 16.48
CA LEU A 48 -16.27 -4.75 15.07
C LEU A 48 -17.76 -5.12 14.97
N GLY A 49 -18.19 -6.01 15.86
CA GLY A 49 -19.59 -6.39 16.01
C GLY A 49 -20.21 -6.91 14.73
N SER A 50 -21.14 -6.12 14.21
CA SER A 50 -21.86 -6.46 12.99
CA SER A 50 -21.87 -6.42 12.97
C SER A 50 -20.95 -6.45 11.75
N ASP A 51 -19.89 -5.64 11.77
CA ASP A 51 -18.94 -5.58 10.63
C ASP A 51 -17.94 -6.76 10.49
N LEU A 52 -17.87 -7.66 11.46
CA LEU A 52 -16.89 -8.76 11.44
C LEU A 52 -16.81 -9.57 10.13
N PRO A 53 -17.96 -9.90 9.48
CA PRO A 53 -17.95 -10.51 8.14
C PRO A 53 -17.42 -9.64 6.98
N ARG A 54 -17.78 -8.36 6.96
CA ARG A 54 -17.19 -7.42 5.99
C ARG A 54 -15.65 -7.48 6.07
N ILE A 55 -15.13 -7.45 7.30
CA ILE A 55 -13.69 -7.45 7.53
C ILE A 55 -13.05 -8.78 7.15
N LYS A 56 -13.63 -9.89 7.58
CA LYS A 56 -13.09 -11.20 7.24
C LYS A 56 -13.00 -11.39 5.74
N THR A 57 -13.99 -10.88 5.03
CA THR A 57 -14.00 -10.94 3.56
C THR A 57 -12.94 -10.00 2.97
N GLU A 58 -12.81 -8.80 3.53
CA GLU A 58 -11.78 -7.84 3.08
C GLU A 58 -10.34 -8.42 3.30
N ILE A 59 -10.15 -9.15 4.41
CA ILE A 59 -8.86 -9.82 4.69
C ILE A 59 -8.51 -10.81 3.58
N GLU A 60 -9.51 -11.55 3.08
CA GLU A 60 -9.29 -12.49 1.95
C GLU A 60 -8.89 -11.79 0.64
N ALA A 61 -9.40 -10.59 0.41
CA ALA A 61 -8.97 -9.79 -0.75
C ALA A 61 -7.51 -9.38 -0.66
N LEU A 62 -7.07 -9.02 0.56
CA LEU A 62 -5.69 -8.60 0.81
C LEU A 62 -4.67 -9.73 0.64
N LYS A 63 -5.08 -10.98 0.86
CA LYS A 63 -4.22 -12.13 0.58
C LYS A 63 -3.74 -12.18 -0.87
N ASN A 64 -4.59 -11.74 -1.80
CA ASN A 64 -4.24 -11.68 -3.23
C ASN A 64 -3.43 -10.48 -3.65
N LEU A 65 -3.22 -9.51 -2.77
CA LEU A 65 -2.40 -8.34 -3.11
C LEU A 65 -0.94 -8.69 -2.96
N ARG A 66 -0.39 -9.29 -4.03
CA ARG A 66 1.01 -9.67 -4.09
C ARG A 66 1.68 -8.87 -5.20
N HIS A 67 2.45 -7.86 -4.78
CA HIS A 67 3.02 -6.88 -5.70
C HIS A 67 4.15 -6.15 -4.99
N GLN A 68 5.20 -5.93 -5.75
CA GLN A 68 6.41 -5.23 -5.32
C GLN A 68 6.22 -3.81 -4.69
N HIS A 69 5.11 -3.15 -5.02
CA HIS A 69 4.81 -1.82 -4.47
C HIS A 69 3.58 -1.81 -3.54
N ILE A 70 3.19 -2.98 -3.00
CA ILE A 70 2.19 -3.11 -1.97
C ILE A 70 2.76 -3.85 -0.76
N CYS A 71 2.56 -3.28 0.44
CA CYS A 71 2.92 -3.97 1.69
C CYS A 71 2.17 -5.27 1.80
N GLN A 72 2.92 -6.34 1.99
CA GLN A 72 2.40 -7.70 1.89
C GLN A 72 1.82 -8.19 3.20
N LEU A 73 0.74 -8.97 3.11
CA LEU A 73 0.19 -9.61 4.27
C LEU A 73 0.94 -10.96 4.45
N TYR A 74 1.40 -11.23 5.66
CA TYR A 74 2.15 -12.44 6.01
C TYR A 74 1.37 -13.48 6.81
N HIS A 75 0.47 -13.02 7.68
CA HIS A 75 -0.06 -13.91 8.71
C HIS A 75 -1.41 -13.34 9.18
N VAL A 76 -2.42 -14.19 9.29
CA VAL A 76 -3.68 -13.81 9.92
C VAL A 76 -3.93 -14.79 11.02
N LEU A 77 -4.12 -14.27 12.23
CA LEU A 77 -4.37 -15.07 13.40
C LEU A 77 -5.64 -14.52 14.09
N GLU A 78 -6.64 -15.37 14.24
CA GLU A 78 -7.91 -15.04 14.86
C GLU A 78 -8.01 -15.83 16.18
N THR A 79 -8.30 -15.14 17.29
CA THR A 79 -8.49 -15.77 18.59
C THR A 79 -9.95 -15.57 19.02
N ALA A 80 -10.29 -15.97 20.24
CA ALA A 80 -11.63 -15.76 20.75
C ALA A 80 -12.12 -14.31 20.58
N ASN A 81 -11.30 -13.33 20.95
CA ASN A 81 -11.73 -11.91 20.91
C ASN A 81 -11.00 -10.99 19.96
N LYS A 82 -9.94 -11.47 19.29
CA LYS A 82 -9.06 -10.60 18.52
C LYS A 82 -8.80 -11.18 17.12
N ILE A 83 -8.50 -10.27 16.18
CA ILE A 83 -7.87 -10.60 14.90
C ILE A 83 -6.55 -9.83 14.80
N PHE A 84 -5.50 -10.58 14.45
CA PHE A 84 -4.15 -10.05 14.30
C PHE A 84 -3.78 -10.19 12.83
N MET A 85 -3.31 -9.12 12.22
CA MET A 85 -2.81 -9.16 10.86
C MET A 85 -1.37 -8.72 10.84
N VAL A 86 -0.47 -9.60 10.42
CA VAL A 86 0.97 -9.31 10.35
C VAL A 86 1.36 -8.92 8.94
N LEU A 87 2.06 -7.80 8.84
CA LEU A 87 2.30 -7.13 7.58
C LEU A 87 3.76 -6.75 7.40
N GLU A 88 4.13 -6.54 6.14
CA GLU A 88 5.49 -6.15 5.78
C GLU A 88 5.87 -4.78 6.42
N TYR A 89 7.02 -4.76 7.09
CA TYR A 89 7.55 -3.52 7.72
C TYR A 89 8.27 -2.66 6.68
N CYS A 90 7.96 -1.36 6.66
CA CYS A 90 8.70 -0.42 5.79
C CYS A 90 9.44 0.59 6.66
N PRO A 91 10.75 0.38 6.87
CA PRO A 91 11.50 1.28 7.79
C PRO A 91 11.61 2.76 7.35
N GLY A 92 11.60 3.00 6.05
CA GLY A 92 11.80 4.33 5.49
C GLY A 92 10.79 5.42 5.83
N GLY A 93 9.68 5.11 6.49
CA GLY A 93 8.69 6.14 6.80
C GLY A 93 7.91 6.64 5.58
N GLU A 94 7.06 7.63 5.82
CA GLU A 94 6.06 8.03 4.83
C GLU A 94 6.65 8.91 3.77
N LEU A 95 6.02 8.88 2.60
CA LEU A 95 6.31 9.84 1.55
C LEU A 95 6.03 11.30 2.01
N PHE A 96 5.02 11.45 2.86
CA PHE A 96 4.68 12.76 3.49
C PHE A 96 5.90 13.45 4.14
N ASP A 97 6.60 12.69 4.98
CA ASP A 97 7.86 13.13 5.61
C ASP A 97 8.89 13.50 4.59
N TYR A 98 9.04 12.66 3.57
CA TYR A 98 10.00 12.93 2.53
C TYR A 98 9.76 14.25 1.80
N ILE A 99 8.51 14.55 1.46
CA ILE A 99 8.20 15.77 0.67
C ILE A 99 8.48 17.04 1.49
N ILE A 100 8.19 16.98 2.80
CA ILE A 100 8.48 18.10 3.67
C ILE A 100 9.99 18.40 3.76
N SER A 101 10.79 17.36 3.92
CA SER A 101 12.26 17.51 4.00
C SER A 101 12.86 18.15 2.73
N GLN A 102 12.49 17.63 1.56
CA GLN A 102 12.96 18.16 0.26
C GLN A 102 12.21 19.41 -0.20
N ASP A 103 11.12 19.80 0.49
CA ASP A 103 10.28 20.96 0.09
C ASP A 103 9.36 20.71 -1.17
N ARG A 104 9.98 20.50 -2.33
CA ARG A 104 9.27 19.93 -3.46
C ARG A 104 10.22 19.12 -4.30
N LEU A 105 9.73 18.07 -4.94
CA LEU A 105 10.56 17.25 -5.80
C LEU A 105 10.61 17.87 -7.21
N SER A 106 11.77 17.69 -7.87
CA SER A 106 11.91 18.00 -9.27
C SER A 106 11.03 17.05 -10.09
N GLU A 107 10.74 17.43 -11.33
CA GLU A 107 9.93 16.60 -12.24
C GLU A 107 10.52 15.22 -12.40
N GLU A 108 11.85 15.15 -12.48
CA GLU A 108 12.59 13.90 -12.66
C GLU A 108 12.40 13.00 -11.46
N GLU A 109 12.57 13.54 -10.26
CA GLU A 109 12.35 12.71 -9.06
C GLU A 109 10.87 12.34 -8.83
N THR A 110 9.97 13.27 -9.16
CA THR A 110 8.54 13.00 -9.06
C THR A 110 8.20 11.82 -9.96
N ARG A 111 8.73 11.84 -11.18
CA ARG A 111 8.49 10.75 -12.12
C ARG A 111 8.91 9.39 -11.58
N VAL A 112 10.09 9.30 -10.96
CA VAL A 112 10.52 8.02 -10.37
C VAL A 112 9.51 7.55 -9.33
N VAL A 113 9.11 8.47 -8.43
CA VAL A 113 8.15 8.18 -7.37
C VAL A 113 6.79 7.81 -7.95
N PHE A 114 6.33 8.59 -8.93
CA PHE A 114 4.99 8.46 -9.44
C PHE A 114 4.76 7.21 -10.28
N ARG A 115 5.76 6.75 -11.02
CA ARG A 115 5.62 5.48 -11.77
C ARG A 115 5.36 4.29 -10.83
N GLN A 116 5.98 4.31 -9.66
CA GLN A 116 5.77 3.26 -8.66
C GLN A 116 4.34 3.26 -8.14
N ILE A 117 3.77 4.44 -7.92
CA ILE A 117 2.41 4.55 -7.39
C ILE A 117 1.42 4.04 -8.43
N VAL A 118 1.64 4.47 -9.68
CA VAL A 118 0.81 4.11 -10.81
C VAL A 118 0.84 2.58 -10.97
N SER A 119 2.05 2.04 -10.90
CA SER A 119 2.29 0.60 -10.92
C SER A 119 1.37 -0.11 -9.95
N ALA A 120 1.46 0.25 -8.67
CA ALA A 120 0.63 -0.40 -7.63
C ALA A 120 -0.87 -0.19 -7.81
N VAL A 121 -1.26 1.03 -8.17
CA VAL A 121 -2.70 1.35 -8.34
C VAL A 121 -3.28 0.59 -9.53
N ALA A 122 -2.55 0.55 -10.64
CA ALA A 122 -2.92 -0.27 -11.81
C ALA A 122 -3.15 -1.75 -11.44
N TYR A 123 -2.21 -2.31 -10.69
CA TYR A 123 -2.38 -3.68 -10.20
C TYR A 123 -3.62 -3.87 -9.35
N VAL A 124 -3.91 -2.91 -8.50
CA VAL A 124 -5.05 -3.00 -7.61
C VAL A 124 -6.34 -3.02 -8.42
N HIS A 125 -6.46 -2.06 -9.34
CA HIS A 125 -7.61 -1.94 -10.23
C HIS A 125 -7.74 -3.18 -11.13
N SER A 126 -6.62 -3.69 -11.66
CA SER A 126 -6.63 -4.95 -12.46
C SER A 126 -7.26 -6.14 -11.71
N GLN A 127 -7.07 -6.21 -10.39
CA GLN A 127 -7.71 -7.25 -9.57
C GLN A 127 -9.18 -6.95 -9.21
N GLY A 128 -9.79 -5.92 -9.78
CA GLY A 128 -11.12 -5.55 -9.38
C GLY A 128 -11.25 -4.83 -8.04
N TYR A 129 -10.18 -4.18 -7.55
CA TYR A 129 -10.30 -3.37 -6.32
C TYR A 129 -9.91 -1.92 -6.55
N ALA A 130 -10.09 -1.09 -5.52
CA ALA A 130 -9.56 0.28 -5.49
C ALA A 130 -8.95 0.55 -4.11
N HIS A 131 -8.14 1.58 -3.98
CA HIS A 131 -7.48 1.87 -2.70
C HIS A 131 -8.44 2.72 -1.90
N ARG A 132 -8.90 3.81 -2.53
CA ARG A 132 -9.95 4.72 -2.03
C ARG A 132 -9.44 5.81 -1.07
N ASP A 133 -8.16 5.78 -0.71
CA ASP A 133 -7.59 6.71 0.26
C ASP A 133 -6.12 7.01 -0.04
N LEU A 134 -5.85 7.40 -1.27
CA LEU A 134 -4.48 7.64 -1.70
C LEU A 134 -4.08 9.01 -1.16
N LYS A 135 -2.96 9.02 -0.45
CA LYS A 135 -2.37 10.24 0.09
C LYS A 135 -0.98 9.91 0.56
N PRO A 136 -0.12 10.94 0.73
CA PRO A 136 1.28 10.66 1.02
C PRO A 136 1.52 9.95 2.35
N GLU A 137 0.55 9.98 3.25
CA GLU A 137 0.62 9.24 4.49
C GLU A 137 0.43 7.74 4.30
N ASN A 138 -0.12 7.32 3.15
CA ASN A 138 -0.39 5.90 2.88
C ASN A 138 0.61 5.26 1.90
N LEU A 139 1.77 5.91 1.72
CA LEU A 139 2.83 5.44 0.85
C LEU A 139 4.08 5.47 1.68
N LEU A 140 4.69 4.30 1.85
CA LEU A 140 5.91 4.12 2.66
C LEU A 140 7.14 3.75 1.83
N PHE A 141 8.31 4.18 2.27
CA PHE A 141 9.56 3.76 1.64
C PHE A 141 10.13 2.54 2.37
N ASP A 142 10.69 1.60 1.62
CA ASP A 142 11.47 0.51 2.21
C ASP A 142 12.93 0.92 2.29
N GLU A 143 13.80 0.01 2.77
CA GLU A 143 15.23 0.28 2.98
C GLU A 143 16.00 0.68 1.72
N TYR A 144 15.44 0.39 0.53
CA TYR A 144 16.04 0.74 -0.76
C TYR A 144 15.37 1.96 -1.42
N HIS A 145 14.61 2.73 -0.64
CA HIS A 145 13.85 3.89 -1.16
C HIS A 145 12.82 3.47 -2.26
N LYS A 146 12.16 2.32 -2.06
CA LYS A 146 11.07 1.91 -2.95
C LYS A 146 9.71 2.11 -2.26
N LEU A 147 8.72 2.57 -3.01
CA LEU A 147 7.41 2.86 -2.46
C LEU A 147 6.56 1.64 -2.26
N LYS A 148 5.83 1.61 -1.14
CA LYS A 148 4.86 0.57 -0.84
C LYS A 148 3.56 1.20 -0.35
N LEU A 149 2.46 0.77 -0.95
CA LEU A 149 1.13 1.21 -0.63
C LEU A 149 0.71 0.53 0.66
N ILE A 150 0.01 1.25 1.53
CA ILE A 150 -0.61 0.67 2.73
C ILE A 150 -2.04 1.11 2.85
N ASP A 151 -2.75 0.49 3.81
CA ASP A 151 -4.07 0.91 4.30
C ASP A 151 -5.14 0.88 3.24
N PHE A 152 -5.50 -0.34 2.88
CA PHE A 152 -6.62 -0.63 2.03
C PHE A 152 -7.82 -0.93 2.93
N SER A 172 -6.85 13.89 4.65
CA SER A 172 -7.53 12.96 3.75
C SER A 172 -8.53 13.67 2.81
N LEU A 173 -9.29 14.62 3.39
CA LEU A 173 -10.31 15.37 2.66
C LEU A 173 -9.70 16.09 1.45
N ALA A 174 -8.50 16.61 1.63
CA ALA A 174 -7.77 17.32 0.57
C ALA A 174 -7.54 16.50 -0.72
N TYR A 175 -7.51 15.17 -0.59
CA TYR A 175 -7.18 14.22 -1.68
C TYR A 175 -8.41 13.52 -2.23
N ALA A 176 -9.58 13.82 -1.69
CA ALA A 176 -10.79 13.10 -2.05
C ALA A 176 -11.49 13.72 -3.27
N ALA A 177 -11.99 12.85 -4.13
CA ALA A 177 -12.64 13.27 -5.38
C ALA A 177 -13.96 14.00 -5.11
N PRO A 178 -14.33 14.94 -5.99
CA PRO A 178 -15.61 15.65 -5.86
C PRO A 178 -16.85 14.74 -5.65
N GLU A 179 -17.00 13.66 -6.42
CA GLU A 179 -18.18 12.79 -6.32
C GLU A 179 -18.25 12.08 -4.96
N LEU A 180 -17.09 11.69 -4.44
CA LEU A 180 -16.97 11.04 -3.14
C LEU A 180 -17.41 12.00 -2.01
N ILE A 181 -17.00 13.24 -2.15
CA ILE A 181 -17.29 14.35 -1.23
C ILE A 181 -18.76 14.73 -1.17
N GLN A 182 -19.44 14.77 -2.31
CA GLN A 182 -20.89 14.93 -2.37
C GLN A 182 -21.69 13.74 -1.83
N GLY A 183 -21.04 12.63 -1.47
CA GLY A 183 -21.74 11.44 -1.00
C GLY A 183 -22.49 10.66 -2.09
N LYS A 184 -22.22 10.95 -3.36
CA LYS A 184 -22.79 10.20 -4.48
C LYS A 184 -22.12 8.83 -4.61
N SER A 185 -22.65 7.99 -5.49
CA SER A 185 -21.99 6.72 -5.81
C SER A 185 -20.76 7.08 -6.63
N TYR A 186 -19.70 6.32 -6.44
CA TYR A 186 -18.48 6.65 -7.12
C TYR A 186 -17.78 5.37 -7.46
N LEU A 187 -17.02 5.40 -8.55
CA LEU A 187 -16.18 4.28 -8.88
C LEU A 187 -14.81 4.45 -8.23
N GLY A 188 -14.40 3.47 -7.42
CA GLY A 188 -13.10 3.48 -6.74
C GLY A 188 -11.94 3.84 -7.66
N SER A 189 -11.96 3.28 -8.87
CA SER A 189 -10.89 3.45 -9.83
C SER A 189 -10.78 4.87 -10.29
N GLU A 190 -11.93 5.50 -10.56
CA GLU A 190 -11.99 6.89 -10.97
C GLU A 190 -11.56 7.86 -9.85
N ALA A 191 -11.87 7.50 -8.62
CA ALA A 191 -11.57 8.33 -7.45
C ALA A 191 -10.08 8.24 -7.21
N ASP A 192 -9.52 7.06 -7.42
CA ASP A 192 -8.09 6.84 -7.33
C ASP A 192 -7.29 7.68 -8.33
N VAL A 193 -7.83 7.93 -9.51
CA VAL A 193 -7.17 8.81 -10.50
C VAL A 193 -7.12 10.30 -10.09
N TRP A 194 -8.24 10.78 -9.54
CA TRP A 194 -8.27 12.13 -8.96
C TRP A 194 -7.24 12.26 -7.85
N SER A 195 -7.30 11.37 -6.89
CA SER A 195 -6.34 11.37 -5.77
C SER A 195 -4.87 11.32 -6.21
N MET A 196 -4.56 10.52 -7.22
CA MET A 196 -3.20 10.54 -7.79
C MET A 196 -2.82 11.86 -8.44
N GLY A 197 -3.78 12.55 -9.04
CA GLY A 197 -3.57 13.87 -9.55
C GLY A 197 -3.23 14.90 -8.44
N ILE A 198 -3.88 14.81 -7.29
CA ILE A 198 -3.57 15.70 -6.18
C ILE A 198 -2.15 15.37 -5.66
N LEU A 199 -1.86 14.09 -5.52
CA LEU A 199 -0.53 13.57 -5.14
C LEU A 199 0.57 14.12 -6.07
N LEU A 200 0.31 14.00 -7.36
CA LEU A 200 1.20 14.55 -8.37
C LEU A 200 1.46 16.05 -8.17
N TYR A 201 0.38 16.83 -7.95
CA TYR A 201 0.50 18.27 -7.74
C TYR A 201 1.36 18.51 -6.46
N VAL A 202 1.10 17.75 -5.41
CA VAL A 202 1.80 17.97 -4.15
C VAL A 202 3.31 17.67 -4.28
N LEU A 203 3.62 16.57 -4.94
CA LEU A 203 4.99 16.19 -5.22
C LEU A 203 5.79 17.26 -5.90
N MET A 204 5.20 17.87 -6.93
CA MET A 204 5.91 18.88 -7.70
C MET A 204 5.80 20.29 -7.20
N CYS A 205 4.76 20.63 -6.44
CA CYS A 205 4.61 21.98 -5.89
C CYS A 205 5.03 22.17 -4.41
N GLY A 206 4.92 21.13 -3.61
CA GLY A 206 5.18 21.21 -2.19
C GLY A 206 4.03 21.70 -1.33
N PHE A 207 2.85 21.85 -1.95
CA PHE A 207 1.62 22.29 -1.27
C PHE A 207 0.34 21.74 -1.99
N LEU A 208 -0.79 21.77 -1.28
CA LEU A 208 -2.06 21.30 -1.80
C LEU A 208 -2.61 22.19 -2.88
N PRO A 209 -3.25 21.60 -3.88
CA PRO A 209 -3.97 22.44 -4.85
C PRO A 209 -5.24 23.10 -4.28
N PHE A 210 -5.90 22.42 -3.35
CA PHE A 210 -7.16 22.91 -2.77
C PHE A 210 -6.96 22.88 -1.26
N ASP A 211 -7.08 24.04 -0.64
CA ASP A 211 -6.97 24.14 0.82
C ASP A 211 -7.91 25.22 1.30
N ASP A 212 -8.38 25.07 2.54
CA ASP A 212 -9.19 26.10 3.18
C ASP A 212 -9.29 25.83 4.68
N ASP A 213 -9.87 26.75 5.44
CA ASP A 213 -9.85 26.59 6.92
C ASP A 213 -11.14 26.02 7.51
N ASN A 214 -12.02 25.54 6.64
CA ASN A 214 -13.21 24.86 7.11
C ASN A 214 -13.72 23.92 5.98
N VAL A 215 -14.43 22.90 6.38
CA VAL A 215 -14.83 21.83 5.46
C VAL A 215 -15.70 22.29 4.31
N MET A 216 -16.66 23.15 4.58
CA MET A 216 -17.56 23.63 3.53
C MET A 216 -16.82 24.42 2.44
N ALA A 217 -15.96 25.35 2.84
CA ALA A 217 -15.14 26.10 1.90
C ALA A 217 -14.20 25.17 1.08
N LEU A 218 -13.62 24.19 1.73
CA LEU A 218 -12.75 23.23 1.03
C LEU A 218 -13.52 22.40 0.00
N TYR A 219 -14.67 21.86 0.43
CA TYR A 219 -15.57 21.08 -0.44
C TYR A 219 -15.95 21.87 -1.66
N LYS A 220 -16.34 23.11 -1.44
CA LYS A 220 -16.66 23.97 -2.56
C LYS A 220 -15.51 24.17 -3.52
N LYS A 221 -14.29 24.34 -2.99
CA LYS A 221 -13.14 24.62 -3.87
C LYS A 221 -12.81 23.38 -4.71
N ILE A 222 -12.85 22.21 -4.09
CA ILE A 222 -12.66 20.93 -4.76
C ILE A 222 -13.70 20.72 -5.90
N MET A 223 -14.97 21.04 -5.63
CA MET A 223 -16.07 20.91 -6.59
C MET A 223 -15.92 21.83 -7.78
N ARG A 224 -15.45 23.05 -7.54
CA ARG A 224 -15.18 23.99 -8.62
C ARG A 224 -13.96 23.62 -9.45
N GLY A 225 -13.01 22.90 -8.86
CA GLY A 225 -11.85 22.40 -9.60
C GLY A 225 -10.79 23.39 -10.05
N LYS A 226 -10.84 24.65 -9.63
CA LYS A 226 -9.81 25.63 -10.05
C LYS A 226 -8.66 25.65 -9.03
N TYR A 227 -7.43 25.65 -9.51
CA TYR A 227 -6.20 25.66 -8.71
C TYR A 227 -5.14 26.48 -9.44
N ASP A 228 -4.14 26.90 -8.69
CA ASP A 228 -3.02 27.67 -9.26
C ASP A 228 -2.05 26.72 -9.89
N VAL A 229 -1.42 27.18 -10.97
CA VAL A 229 -0.42 26.42 -11.68
C VAL A 229 0.88 27.19 -11.49
N PRO A 230 1.78 26.72 -10.60
CA PRO A 230 3.03 27.46 -10.42
C PRO A 230 3.88 27.49 -11.70
N LYS A 231 4.57 28.60 -11.88
CA LYS A 231 5.34 28.87 -13.10
C LYS A 231 6.53 27.94 -13.30
N TRP A 232 6.99 27.23 -12.27
CA TRP A 232 8.01 26.18 -12.49
C TRP A 232 7.53 24.84 -13.11
N LEU A 233 6.24 24.63 -13.33
CA LEU A 233 5.78 23.34 -13.87
C LEU A 233 6.00 23.29 -15.39
N SER A 234 6.48 22.15 -15.91
CA SER A 234 6.62 21.99 -17.38
C SER A 234 5.24 21.91 -18.04
N PRO A 235 5.15 22.28 -19.34
CA PRO A 235 3.89 22.10 -20.07
C PRO A 235 3.34 20.68 -20.00
N SER A 236 4.22 19.70 -20.09
CA SER A 236 3.83 18.32 -20.00
C SER A 236 3.18 17.94 -18.63
N SER A 237 3.76 18.50 -17.56
CA SER A 237 3.19 18.40 -16.20
C SER A 237 1.79 18.97 -16.05
N ILE A 238 1.63 20.19 -16.54
CA ILE A 238 0.40 20.91 -16.52
C ILE A 238 -0.68 20.09 -17.23
N LEU A 239 -0.34 19.60 -18.41
CA LEU A 239 -1.30 18.78 -19.19
C LEU A 239 -1.72 17.49 -18.51
N LEU A 240 -0.80 16.75 -17.92
CA LEU A 240 -1.18 15.56 -17.19
C LEU A 240 -2.09 15.85 -15.95
N LEU A 241 -1.79 16.95 -15.24
CA LEU A 241 -2.66 17.39 -14.16
C LEU A 241 -4.09 17.69 -14.64
N GLN A 242 -4.18 18.33 -15.78
CA GLN A 242 -5.44 18.69 -16.38
C GLN A 242 -6.26 17.46 -16.80
N GLN A 243 -5.58 16.40 -17.22
CA GLN A 243 -6.25 15.13 -17.53
C GLN A 243 -6.68 14.30 -16.32
N MET A 244 -6.03 14.49 -15.18
CA MET A 244 -6.36 13.75 -13.98
C MET A 244 -7.35 14.52 -13.12
N LEU A 245 -7.15 15.83 -12.99
CA LEU A 245 -7.99 16.65 -12.13
C LEU A 245 -9.18 17.20 -12.90
N GLN A 246 -10.07 16.30 -13.25
CA GLN A 246 -11.29 16.64 -13.96
C GLN A 246 -12.40 16.38 -12.96
N VAL A 247 -13.15 17.43 -12.62
CA VAL A 247 -14.23 17.28 -11.62
C VAL A 247 -15.24 16.20 -12.04
N ASP A 248 -15.64 16.17 -13.31
CA ASP A 248 -16.50 15.11 -13.82
C ASP A 248 -15.69 13.81 -13.95
N PRO A 249 -16.04 12.76 -13.18
CA PRO A 249 -15.22 11.55 -13.21
C PRO A 249 -15.15 10.88 -14.57
N LYS A 250 -16.17 11.06 -15.39
CA LYS A 250 -16.18 10.49 -16.74
C LYS A 250 -15.10 11.08 -17.61
N LYS A 251 -14.83 12.37 -17.42
CA LYS A 251 -13.79 13.06 -18.16
C LYS A 251 -12.35 12.77 -17.76
N ARG A 252 -12.13 11.96 -16.72
CA ARG A 252 -10.80 11.72 -16.23
C ARG A 252 -10.10 10.68 -17.07
N ILE A 253 -8.79 10.83 -17.16
CA ILE A 253 -7.99 9.90 -17.89
C ILE A 253 -8.17 8.53 -17.31
N SER A 254 -8.15 7.55 -18.18
CA SER A 254 -8.23 6.15 -17.79
C SER A 254 -6.86 5.66 -17.32
N MET A 255 -6.89 4.59 -16.54
CA MET A 255 -5.68 3.86 -16.18
C MET A 255 -4.81 3.45 -17.37
N LYS A 256 -5.46 2.86 -18.37
CA LYS A 256 -4.86 2.49 -19.65
C LYS A 256 -4.05 3.66 -20.16
N ASN A 257 -4.71 4.80 -20.41
CA ASN A 257 -4.01 6.00 -20.94
C ASN A 257 -2.93 6.61 -19.98
N LEU A 258 -3.01 6.33 -18.67
CA LEU A 258 -2.02 6.82 -17.69
C LEU A 258 -0.68 6.08 -17.71
N LEU A 259 -0.74 4.75 -17.83
CA LEU A 259 0.48 3.92 -17.91
C LEU A 259 1.38 4.23 -19.09
N ASN A 260 0.78 4.73 -20.18
CA ASN A 260 1.58 5.05 -21.36
CA ASN A 260 1.42 5.01 -21.44
C ASN A 260 1.62 6.53 -21.67
N HIS A 261 1.33 7.35 -20.64
CA HIS A 261 1.27 8.81 -20.83
C HIS A 261 2.63 9.38 -21.21
N PRO A 262 2.66 10.30 -22.18
CA PRO A 262 3.91 10.98 -22.52
C PRO A 262 4.76 11.49 -21.37
N TRP A 263 4.15 12.09 -20.37
CA TRP A 263 4.90 12.61 -19.22
C TRP A 263 5.55 11.46 -18.46
N ILE A 264 4.80 10.36 -18.33
CA ILE A 264 5.20 9.14 -17.66
C ILE A 264 6.38 8.48 -18.38
N MET A 265 6.38 8.62 -19.69
CA MET A 265 7.36 7.98 -20.57
C MET A 265 8.67 8.76 -20.67
N GLN A 266 8.62 10.08 -20.50
CA GLN A 266 9.80 10.95 -20.54
C GLN A 266 11.01 10.40 -19.74
N ASP A 267 12.20 10.33 -20.38
CA ASP A 267 13.46 9.79 -19.76
C ASP A 267 13.50 8.28 -19.48
N TYR A 268 12.54 7.53 -19.97
CA TYR A 268 12.42 6.11 -19.71
C TYR A 268 12.19 5.37 -21.03
N ASN A 269 11.19 5.83 -21.77
CA ASN A 269 10.85 5.34 -23.10
C ASN A 269 10.27 3.92 -23.07
N TYR A 270 9.79 3.48 -21.89
CA TYR A 270 8.89 2.32 -21.78
C TYR A 270 7.80 2.58 -20.74
N PRO A 271 6.61 1.97 -20.91
CA PRO A 271 5.50 2.28 -20.00
C PRO A 271 5.64 1.61 -18.64
N VAL A 272 4.76 1.97 -17.72
CA VAL A 272 4.88 1.48 -16.36
C VAL A 272 4.57 -0.01 -16.36
N GLU A 273 5.52 -0.82 -15.91
CA GLU A 273 5.29 -2.23 -15.70
C GLU A 273 4.55 -2.41 -14.39
N TRP A 274 3.29 -2.82 -14.48
CA TRP A 274 2.38 -2.87 -13.34
C TRP A 274 2.08 -4.29 -12.85
N GLN A 275 2.41 -5.29 -13.68
CA GLN A 275 2.01 -6.67 -13.43
C GLN A 275 2.96 -7.15 -12.35
N SER A 276 2.50 -8.09 -11.54
CA SER A 276 3.30 -8.52 -10.41
C SER A 276 4.50 -9.35 -10.87
N LYS A 277 5.70 -8.85 -10.60
CA LYS A 277 6.92 -9.65 -10.63
C LYS A 277 6.97 -10.76 -9.56
N ASN A 278 6.03 -10.76 -8.60
CA ASN A 278 5.91 -11.84 -7.59
C ASN A 278 5.24 -13.12 -8.18
N PRO A 279 5.72 -14.34 -7.79
CA PRO A 279 5.16 -15.60 -8.35
C PRO A 279 3.64 -15.74 -8.22
N HIS A 282 5.05 -20.14 -8.13
CA HIS A 282 6.08 -21.15 -7.95
C HIS A 282 6.99 -20.87 -6.73
N LEU A 283 7.28 -21.92 -5.95
CA LEU A 283 8.05 -21.80 -4.69
C LEU A 283 9.52 -21.56 -4.90
N ASP A 284 10.13 -20.81 -3.99
CA ASP A 284 11.55 -20.52 -3.99
C ASP A 284 12.35 -21.63 -3.28
N ASP A 285 13.33 -22.20 -3.98
CA ASP A 285 14.05 -23.38 -3.51
C ASP A 285 14.90 -23.16 -2.26
N ASP A 286 15.49 -21.98 -2.11
CA ASP A 286 16.28 -21.69 -0.90
C ASP A 286 15.41 -21.58 0.36
N CYS A 287 14.30 -20.88 0.23
CA CYS A 287 13.37 -20.76 1.35
C CYS A 287 12.79 -22.10 1.79
N VAL A 288 12.40 -22.92 0.81
CA VAL A 288 11.93 -24.27 1.08
C VAL A 288 12.99 -25.11 1.79
N THR A 289 14.22 -25.01 1.32
CA THR A 289 15.33 -25.78 1.93
C THR A 289 15.48 -25.41 3.39
N GLU A 290 15.53 -24.11 3.66
CA GLU A 290 15.70 -23.66 5.03
C GLU A 290 14.53 -24.08 5.93
N LEU A 291 13.30 -24.04 5.42
CA LEU A 291 12.16 -24.55 6.21
C LEU A 291 12.21 -26.06 6.42
N SER A 292 12.60 -26.81 5.38
CA SER A 292 12.72 -28.28 5.48
C SER A 292 13.76 -28.67 6.52
N VAL A 293 14.91 -27.96 6.50
CA VAL A 293 15.96 -28.14 7.52
C VAL A 293 15.43 -27.88 8.94
N HIS A 294 14.77 -26.73 9.14
CA HIS A 294 14.21 -26.37 10.44
C HIS A 294 13.14 -27.33 10.94
N HIS A 295 12.22 -27.71 10.07
CA HIS A 295 11.17 -28.67 10.40
C HIS A 295 11.57 -30.14 10.24
N ARG A 296 12.81 -30.42 9.83
CA ARG A 296 13.31 -31.80 9.64
C ARG A 296 12.37 -32.61 8.73
N ASN A 297 12.13 -32.07 7.53
CA ASN A 297 11.26 -32.67 6.52
C ASN A 297 11.99 -32.92 5.23
N ASN A 298 11.43 -33.81 4.42
CA ASN A 298 11.77 -33.96 2.99
C ASN A 298 11.34 -32.66 2.28
N ARG A 299 12.06 -32.32 1.22
CA ARG A 299 11.71 -31.19 0.39
C ARG A 299 10.23 -31.19 -0.06
N GLN A 300 9.78 -32.31 -0.61
CA GLN A 300 8.43 -32.46 -1.17
C GLN A 300 7.34 -32.30 -0.11
N THR A 301 7.60 -32.76 1.11
CA THR A 301 6.67 -32.56 2.20
C THR A 301 6.52 -31.06 2.54
N MET A 302 7.64 -30.33 2.66
CA MET A 302 7.59 -28.89 2.92
C MET A 302 6.88 -28.15 1.81
N GLU A 303 7.18 -28.49 0.57
CA GLU A 303 6.50 -27.88 -0.60
C GLU A 303 4.96 -28.04 -0.57
N ASP A 304 4.47 -29.24 -0.27
CA ASP A 304 3.03 -29.47 -0.11
C ASP A 304 2.42 -28.61 0.99
N LEU A 305 3.06 -28.60 2.17
CA LEU A 305 2.58 -27.80 3.30
C LEU A 305 2.60 -26.29 3.01
N ILE A 306 3.67 -25.76 2.42
CA ILE A 306 3.72 -24.32 2.10
C ILE A 306 2.62 -23.97 1.09
N SER A 307 2.39 -24.88 0.14
CA SER A 307 1.39 -24.72 -0.91
C SER A 307 -0.08 -24.71 -0.44
N LEU A 308 -0.34 -25.10 0.79
CA LEU A 308 -1.64 -24.86 1.37
C LEU A 308 -1.95 -23.35 1.51
N TRP A 309 -0.92 -22.51 1.73
CA TRP A 309 -1.12 -21.06 1.81
C TRP A 309 -2.23 -20.69 2.79
N GLN A 310 -2.10 -21.17 4.01
CA GLN A 310 -3.08 -20.93 5.04
C GLN A 310 -2.95 -19.57 5.75
N TYR A 311 -1.95 -18.77 5.41
CA TYR A 311 -1.61 -17.56 6.16
C TYR A 311 -1.52 -17.81 7.67
N ASP A 312 -0.94 -18.97 8.00
CA ASP A 312 -0.55 -19.33 9.35
C ASP A 312 0.92 -19.01 9.53
N HIS A 313 1.50 -19.52 10.63
CA HIS A 313 2.90 -19.29 10.91
C HIS A 313 3.87 -19.75 9.80
N LEU A 314 3.54 -20.87 9.14
CA LEU A 314 4.35 -21.39 8.06
C LEU A 314 4.41 -20.44 6.89
N THR A 315 3.23 -19.96 6.46
CA THR A 315 3.15 -18.94 5.42
C THR A 315 4.01 -17.68 5.78
N ALA A 316 3.84 -17.23 7.01
CA ALA A 316 4.57 -16.09 7.50
C ALA A 316 6.08 -16.30 7.35
N THR A 317 6.58 -17.42 7.86
CA THR A 317 8.01 -17.71 7.84
C THR A 317 8.51 -17.81 6.40
N TYR A 318 7.76 -18.51 5.57
CA TYR A 318 8.09 -18.60 4.15
C TYR A 318 8.16 -17.24 3.46
N LEU A 319 7.16 -16.39 3.65
CA LEU A 319 7.15 -15.06 3.01
C LEU A 319 8.25 -14.14 3.52
N LEU A 320 8.57 -14.25 4.80
CA LEU A 320 9.68 -13.50 5.37
C LEU A 320 11.08 -13.95 4.91
N LEU A 321 11.27 -15.24 4.69
CA LEU A 321 12.50 -15.74 4.06
C LEU A 321 12.57 -15.27 2.62
N LEU A 322 11.43 -15.29 1.91
CA LEU A 322 11.37 -14.84 0.52
C LEU A 322 11.70 -13.36 0.38
N ALA A 323 11.44 -12.61 1.45
CA ALA A 323 11.78 -11.20 1.50
C ALA A 323 13.25 -10.98 1.89
N LYS A 324 13.82 -11.82 2.75
CA LYS A 324 15.26 -11.78 3.00
C LYS A 324 16.03 -12.03 1.71
N LYS A 325 15.64 -13.08 0.98
CA LYS A 325 16.20 -13.34 -0.34
C LYS A 325 16.05 -12.12 -1.26
N ALA A 326 14.82 -11.67 -1.49
CA ALA A 326 14.53 -10.52 -2.37
C ALA A 326 15.37 -9.25 -2.09
N ARG A 327 15.77 -9.04 -0.82
CA ARG A 327 16.64 -7.93 -0.40
C ARG A 327 18.10 -8.38 -0.20
N GLY A 328 18.52 -9.42 -0.93
CA GLY A 328 19.91 -9.88 -0.93
C GLY A 328 20.45 -10.56 0.31
N LYS A 329 19.67 -10.57 1.40
CA LYS A 329 20.14 -11.06 2.71
C LYS A 329 20.23 -12.58 2.64
N PRO A 330 20.86 -13.21 3.65
CA PRO A 330 20.86 -14.66 3.68
C PRO A 330 19.50 -15.23 4.17
N VAL A 331 19.16 -16.37 3.60
CA VAL A 331 17.92 -17.06 3.84
C VAL A 331 18.17 -18.04 4.99
N ARG A 332 18.06 -17.53 6.21
CA ARG A 332 18.38 -18.28 7.43
C ARG A 332 17.36 -18.08 8.53
N LEU A 333 17.09 -19.15 9.27
CA LEU A 333 16.28 -19.12 10.50
C LEU A 333 17.16 -19.38 11.71
N ARG A 334 16.77 -18.83 12.85
CA ARG A 334 17.48 -19.02 14.13
C ARG A 334 16.68 -19.93 15.05
#